data_3OWC
#
_entry.id   3OWC
#
_cell.length_a   71.095
_cell.length_b   71.095
_cell.length_c   97.952
_cell.angle_alpha   90.00
_cell.angle_beta   90.00
_cell.angle_gamma   90.00
#
_symmetry.space_group_name_H-M   'P 41'
#
loop_
_entity.id
_entity.type
_entity.pdbx_description
1 polymer 'Probable acetyltransferase'
2 non-polymer 'COENZYME A'
3 non-polymer 1,2-ETHANEDIOL
4 water water
#
_entity_poly.entity_id   1
_entity_poly.type   'polypeptide(L)'
_entity_poly.pdbx_seq_one_letter_code
;GH(MSE)PTPGTGSVPELQLVPFQLGHFPILQRWFATEKELVQWAGPALRHPLSLEQ(MSE)HEDLAESRRRPPLRLLWS
ACRDDQVIGHCQLLFDRRNGVVRLARIVLAPSARGQGLGLP(MSE)LEALLAEAFADADIERVELNVYDWNAAARHLYRR
AGFREEGLRRSATRVGRERWNVVL(MSE)GLLRQEWAAGGAGND
;
_entity_poly.pdbx_strand_id   A,B
#
# COMPACT_ATOMS: atom_id res chain seq x y z
N GLU A 13 8.67 25.14 20.98
CA GLU A 13 7.55 24.44 21.68
C GLU A 13 7.71 22.89 21.59
N LEU A 14 7.04 22.25 20.64
CA LEU A 14 7.15 20.80 20.46
C LEU A 14 8.35 20.50 19.54
N GLN A 15 9.14 19.48 19.86
CA GLN A 15 10.31 19.10 19.04
C GLN A 15 10.17 17.66 18.60
N LEU A 16 10.62 17.34 17.39
CA LEU A 16 10.74 15.92 16.96
C LEU A 16 12.22 15.48 17.00
N VAL A 17 12.49 14.38 17.70
CA VAL A 17 13.85 13.85 17.90
C VAL A 17 13.84 12.37 17.51
N PRO A 18 15.01 11.77 17.25
CA PRO A 18 14.92 10.37 16.85
C PRO A 18 14.33 9.53 18.00
N PHE A 19 13.42 8.61 17.67
CA PHE A 19 12.95 7.61 18.65
C PHE A 19 14.11 6.75 19.10
N GLN A 20 14.05 6.34 20.36
CA GLN A 20 15.07 5.52 20.95
C GLN A 20 14.40 4.60 22.01
N LEU A 21 15.05 3.48 22.34
CA LEU A 21 14.48 2.54 23.30
C LEU A 21 14.33 3.20 24.63
N GLY A 22 15.17 4.19 24.90
CA GLY A 22 15.07 4.98 26.11
C GLY A 22 13.69 5.64 26.29
N HIS A 23 12.94 5.80 25.20
CA HIS A 23 11.58 6.37 25.22
C HIS A 23 10.47 5.30 25.26
N PHE A 24 10.86 4.05 25.13
CA PHE A 24 9.89 2.98 25.01
C PHE A 24 8.97 2.88 26.25
N PRO A 25 9.51 3.06 27.46
CA PRO A 25 8.61 2.88 28.61
C PRO A 25 7.52 3.93 28.68
N ILE A 26 7.78 5.09 28.08
CA ILE A 26 6.81 6.19 28.09
C ILE A 26 5.72 5.78 27.09
N LEU A 27 6.16 5.47 25.87
CA LEU A 27 5.26 5.06 24.77
C LEU A 27 4.33 3.93 25.17
N GLN A 28 4.89 2.90 25.78
CA GLN A 28 4.15 1.69 26.18
C GLN A 28 2.98 2.04 27.09
N ARG A 29 3.18 3.07 27.90
CA ARG A 29 2.17 3.49 28.87
C ARG A 29 0.98 4.18 28.25
N TRP A 30 1.03 4.57 26.98
CA TRP A 30 -0.10 5.31 26.38
C TRP A 30 -1.27 4.45 25.93
N PHE A 31 -1.09 3.12 25.99
CA PHE A 31 -2.07 2.18 25.52
C PHE A 31 -2.46 1.21 26.62
N ALA A 32 -3.72 1.33 27.03
CA ALA A 32 -4.25 0.57 28.14
C ALA A 32 -4.82 -0.77 27.71
N THR A 33 -5.31 -0.87 26.48
CA THR A 33 -5.98 -2.07 25.99
C THR A 33 -5.47 -2.46 24.62
N GLU A 34 -5.80 -3.67 24.21
CA GLU A 34 -5.48 -4.17 22.88
C GLU A 34 -6.09 -3.28 21.82
N LYS A 35 -7.35 -2.86 22.01
CA LYS A 35 -8.03 -2.04 21.02
C LYS A 35 -7.35 -0.71 20.77
N GLU A 36 -6.82 -0.10 21.84
CA GLU A 36 -6.10 1.17 21.68
C GLU A 36 -4.80 0.98 20.91
N LEU A 37 -4.10 -0.13 21.15
CA LEU A 37 -2.93 -0.48 20.35
C LEU A 37 -3.30 -0.68 18.87
N VAL A 38 -4.46 -1.27 18.61
CA VAL A 38 -4.86 -1.66 17.24
C VAL A 38 -5.22 -0.40 16.43
N GLN A 39 -5.98 0.48 17.05
CA GLN A 39 -6.27 1.78 16.52
C GLN A 39 -4.98 2.52 16.10
N TRP A 40 -3.95 2.47 16.93
CA TRP A 40 -2.74 3.16 16.66
C TRP A 40 -1.92 2.45 15.59
N ALA A 41 -1.79 1.13 15.69
CA ALA A 41 -0.71 0.44 15.00
C ALA A 41 -1.17 -0.80 14.17
N GLY A 42 -2.48 -1.06 14.13
CA GLY A 42 -3.06 -2.14 13.35
C GLY A 42 -3.33 -3.45 14.08
N PRO A 43 -3.98 -4.40 13.39
CA PRO A 43 -4.56 -5.61 13.99
C PRO A 43 -3.57 -6.68 14.46
N ALA A 44 -2.28 -6.51 14.15
CA ALA A 44 -1.20 -7.42 14.62
C ALA A 44 -0.89 -7.20 16.10
N LEU A 45 -1.16 -6.00 16.58
CA LEU A 45 -0.75 -5.64 17.94
C LEU A 45 -1.53 -6.36 19.02
N ARG A 46 -0.84 -6.62 20.13
CA ARG A 46 -1.37 -7.27 21.31
C ARG A 46 -0.93 -6.50 22.57
N HIS A 47 -1.79 -6.42 23.58
CA HIS A 47 -1.47 -5.68 24.82
C HIS A 47 -0.87 -6.61 25.88
N PRO A 48 0.17 -6.16 26.60
CA PRO A 48 0.85 -4.86 26.53
C PRO A 48 1.79 -4.71 25.34
N LEU A 49 1.98 -3.48 24.88
CA LEU A 49 3.01 -3.18 23.86
C LEU A 49 4.36 -3.69 24.38
N SER A 50 5.15 -4.31 23.52
CA SER A 50 6.43 -4.92 23.92
C SER A 50 7.47 -4.60 22.85
N LEU A 51 8.73 -4.55 23.24
CA LEU A 51 9.75 -4.22 22.27
C LEU A 51 9.79 -5.24 21.16
N GLU A 52 9.56 -6.49 21.51
CA GLU A 52 9.49 -7.56 20.53
C GLU A 52 8.49 -7.25 19.40
N GLN A 53 7.38 -6.61 19.75
CA GLN A 53 6.38 -6.25 18.73
C GLN A 53 6.87 -5.14 17.77
N HIS A 55 10.22 -4.92 16.79
CA HIS A 55 11.51 -5.30 16.20
C HIS A 55 11.57 -5.15 14.69
N GLU A 56 10.52 -5.58 13.99
CA GLU A 56 10.53 -5.51 12.54
C GLU A 56 10.55 -4.02 12.14
N ASP A 57 9.76 -3.19 12.79
CA ASP A 57 9.77 -1.76 12.49
C ASP A 57 11.16 -1.09 12.73
N LEU A 58 11.76 -1.41 13.86
CA LEU A 58 13.07 -0.85 14.21
C LEU A 58 14.15 -1.35 13.25
N ALA A 59 14.11 -2.62 12.88
CA ALA A 59 15.06 -3.10 11.89
C ALA A 59 14.90 -2.31 10.57
N GLU A 60 13.66 -1.97 10.21
CA GLU A 60 13.46 -1.20 9.00
C GLU A 60 14.22 0.13 9.07
N SER A 61 14.33 0.68 10.27
CA SER A 61 15.03 1.94 10.46
C SER A 61 16.55 1.83 10.42
N ARG A 62 17.08 0.61 10.52
N ARG A 62 17.07 0.60 10.51
CA ARG A 62 18.51 0.38 10.48
CA ARG A 62 18.50 0.36 10.47
C ARG A 62 18.98 0.03 9.06
C ARG A 62 18.99 0.03 9.08
N ARG A 63 18.07 -0.08 8.11
CA ARG A 63 18.48 -0.32 6.72
C ARG A 63 19.13 0.96 6.15
N ARG A 64 19.93 0.83 5.11
CA ARG A 64 20.54 1.98 4.49
C ARG A 64 20.31 1.93 3.01
N PRO A 65 19.52 2.87 2.49
CA PRO A 65 18.86 3.93 3.28
C PRO A 65 17.71 3.34 4.16
N PRO A 66 17.29 4.08 5.19
CA PRO A 66 16.25 3.58 6.07
C PRO A 66 14.84 3.52 5.39
N LEU A 67 14.15 2.41 5.62
CA LEU A 67 12.82 2.22 5.12
C LEU A 67 11.75 2.88 6.00
N ARG A 68 11.99 2.94 7.30
CA ARG A 68 11.14 3.60 8.25
C ARG A 68 11.98 4.49 9.10
N LEU A 69 11.46 5.66 9.48
CA LEU A 69 12.05 6.50 10.53
C LEU A 69 11.05 6.64 11.68
N LEU A 70 11.54 6.49 12.91
CA LEU A 70 10.66 6.58 14.08
C LEU A 70 11.05 7.79 14.86
N TRP A 71 10.06 8.50 15.38
CA TRP A 71 10.28 9.81 16.01
C TRP A 71 9.52 9.88 17.32
N SER A 72 10.10 10.63 18.26
CA SER A 72 9.46 10.95 19.56
C SER A 72 9.21 12.46 19.49
N ALA A 73 8.02 12.92 19.86
CA ALA A 73 7.74 14.37 19.91
C ALA A 73 7.97 14.67 21.34
N CYS A 74 8.76 15.73 21.59
CA CYS A 74 9.14 16.06 22.98
C CYS A 74 8.79 17.50 23.21
N ARG A 75 8.55 17.84 24.45
CA ARG A 75 8.60 19.23 24.89
C ARG A 75 9.71 19.29 25.91
N ASP A 76 10.77 20.02 25.61
CA ASP A 76 12.03 19.90 26.38
C ASP A 76 12.39 18.40 26.50
N ASP A 77 12.55 17.84 27.70
CA ASP A 77 12.96 16.44 27.88
C ASP A 77 11.82 15.44 27.88
N GLN A 78 10.58 15.96 27.84
CA GLN A 78 9.39 15.16 28.04
C GLN A 78 8.92 14.62 26.74
N VAL A 79 8.79 13.29 26.69
CA VAL A 79 8.22 12.64 25.55
C VAL A 79 6.67 12.67 25.59
N ILE A 80 6.07 13.38 24.65
CA ILE A 80 4.61 13.52 24.63
C ILE A 80 3.94 12.94 23.37
N GLY A 81 4.73 12.40 22.43
CA GLY A 81 4.12 11.74 21.29
C GLY A 81 5.07 10.88 20.51
N HIS A 82 4.52 10.19 19.53
CA HIS A 82 5.30 9.28 18.69
C HIS A 82 4.79 9.42 17.30
N CYS A 83 5.67 9.25 16.32
N CYS A 83 5.66 9.20 16.33
CA CYS A 83 5.23 9.19 14.93
CA CYS A 83 5.20 9.12 14.95
C CYS A 83 6.26 8.44 14.08
C CYS A 83 6.25 8.46 14.07
N GLN A 84 5.79 7.96 12.92
CA GLN A 84 6.63 7.28 12.00
C GLN A 84 6.50 7.82 10.56
N LEU A 85 7.55 7.59 9.78
CA LEU A 85 7.59 7.80 8.37
C LEU A 85 8.06 6.50 7.66
N LEU A 86 7.36 6.15 6.59
CA LEU A 86 7.72 5.02 5.77
C LEU A 86 8.06 5.61 4.42
N PHE A 87 9.22 5.21 3.89
CA PHE A 87 9.76 5.77 2.71
C PHE A 87 9.57 4.84 1.53
N ASP A 88 9.10 5.43 0.45
CA ASP A 88 9.13 4.84 -0.87
C ASP A 88 10.03 5.76 -1.74
N ARG A 89 11.35 5.53 -1.68
CA ARG A 89 12.31 6.41 -2.33
C ARG A 89 12.28 6.29 -3.86
N ARG A 90 12.05 5.09 -4.38
CA ARG A 90 11.83 4.96 -5.82
C ARG A 90 10.76 5.99 -6.32
N ASN A 91 9.65 6.14 -5.61
CA ASN A 91 8.59 7.04 -6.08
C ASN A 91 8.59 8.44 -5.49
N GLY A 92 9.43 8.68 -4.51
CA GLY A 92 9.45 9.95 -3.83
C GLY A 92 8.19 10.21 -3.01
N VAL A 93 7.80 9.22 -2.21
CA VAL A 93 6.61 9.24 -1.41
C VAL A 93 6.98 8.77 -0.02
N VAL A 94 6.47 9.50 0.96
CA VAL A 94 6.56 9.10 2.32
C VAL A 94 5.17 8.94 2.91
N ARG A 95 4.99 7.92 3.72
N ARG A 95 4.97 7.89 3.70
CA ARG A 95 3.74 7.71 4.41
CA ARG A 95 3.73 7.70 4.42
C ARG A 95 3.88 8.01 5.89
C ARG A 95 3.88 8.01 5.89
N LEU A 96 3.02 8.87 6.41
CA LEU A 96 2.93 9.13 7.81
C LEU A 96 2.20 8.00 8.49
N ALA A 97 2.65 7.58 9.67
CA ALA A 97 1.98 6.51 10.36
C ALA A 97 2.20 6.55 11.86
N ARG A 98 1.33 5.83 12.60
CA ARG A 98 1.52 5.61 14.02
C ARG A 98 1.68 6.93 14.80
N ILE A 99 0.89 7.91 14.43
CA ILE A 99 0.90 9.21 15.09
C ILE A 99 0.06 9.07 16.35
N VAL A 100 0.61 9.47 17.49
CA VAL A 100 -0.10 9.47 18.77
C VAL A 100 0.49 10.51 19.69
N LEU A 101 -0.37 11.07 20.52
CA LEU A 101 0.05 11.93 21.58
C LEU A 101 -0.28 11.17 22.87
N ALA A 102 0.60 11.30 23.87
CA ALA A 102 0.28 10.84 25.22
C ALA A 102 -1.15 11.27 25.57
N PRO A 103 -1.94 10.39 26.27
CA PRO A 103 -3.29 10.86 26.63
C PRO A 103 -3.31 12.18 27.38
N SER A 104 -2.33 12.43 28.25
CA SER A 104 -2.30 13.68 28.99
C SER A 104 -1.94 14.91 28.15
N ALA A 105 -1.60 14.70 26.88
CA ALA A 105 -1.19 15.80 26.03
C ALA A 105 -2.27 16.11 25.01
N ARG A 106 -3.38 15.35 25.01
CA ARG A 106 -4.43 15.52 24.01
C ARG A 106 -5.27 16.72 24.36
N GLY A 107 -5.94 17.31 23.36
CA GLY A 107 -6.88 18.44 23.61
C GLY A 107 -6.18 19.73 23.98
N GLN A 108 -4.93 19.90 23.54
CA GLN A 108 -4.12 21.07 23.96
C GLN A 108 -3.51 21.77 22.73
N GLY A 109 -4.13 21.58 21.58
CA GLY A 109 -3.57 22.01 20.30
C GLY A 109 -2.10 21.62 20.08
N LEU A 110 -1.73 20.40 20.49
CA LEU A 110 -0.39 19.85 20.17
C LEU A 110 -0.41 18.95 18.91
N GLY A 111 -1.63 18.56 18.48
CA GLY A 111 -1.82 17.71 17.25
C GLY A 111 -1.24 18.35 16.03
N LEU A 112 -1.65 19.60 15.75
CA LEU A 112 -1.17 20.31 14.58
C LEU A 112 0.32 20.63 14.62
N PRO A 113 0.84 21.17 15.74
CA PRO A 113 2.30 21.33 15.77
C PRO A 113 3.06 20.03 15.48
N LEU A 115 2.07 17.43 13.62
CA LEU A 115 1.94 17.19 12.16
C LEU A 115 2.83 18.11 11.33
N GLU A 116 2.92 19.38 11.74
CA GLU A 116 3.67 20.32 10.94
C GLU A 116 5.16 19.93 10.99
N ALA A 117 5.63 19.55 12.17
CA ALA A 117 7.02 19.10 12.36
C ALA A 117 7.31 17.82 11.56
N LEU A 118 6.34 16.90 11.55
CA LEU A 118 6.53 15.60 10.91
C LEU A 118 6.57 15.78 9.42
N LEU A 119 5.66 16.62 8.93
CA LEU A 119 5.67 17.01 7.51
C LEU A 119 7.04 17.65 7.09
N ALA A 120 7.56 18.57 7.92
CA ALA A 120 8.86 19.17 7.67
C ALA A 120 9.91 18.09 7.47
N GLU A 121 9.91 17.04 8.33
CA GLU A 121 10.86 15.93 8.20
C GLU A 121 10.62 15.09 6.93
N ALA A 122 9.35 14.86 6.62
CA ALA A 122 8.98 14.08 5.44
C ALA A 122 9.44 14.74 4.14
N PHE A 123 9.26 16.06 4.04
CA PHE A 123 9.70 16.84 2.89
C PHE A 123 11.15 17.39 2.89
N ALA A 124 11.89 17.14 3.96
CA ALA A 124 13.29 17.56 4.09
C ALA A 124 14.08 17.11 2.88
N ASP A 125 13.95 15.84 2.51
CA ASP A 125 14.60 15.38 1.29
C ASP A 125 13.84 15.93 0.09
N ALA A 126 14.54 16.76 -0.67
CA ALA A 126 13.95 17.39 -1.85
C ALA A 126 13.41 16.38 -2.90
N ASP A 127 13.82 15.11 -2.86
CA ASP A 127 13.27 14.09 -3.82
C ASP A 127 11.87 13.60 -3.48
N ILE A 128 11.41 13.89 -2.27
CA ILE A 128 10.03 13.55 -1.86
C ILE A 128 9.07 14.58 -2.41
N GLU A 129 8.09 14.14 -3.20
CA GLU A 129 7.13 15.00 -3.82
C GLU A 129 5.74 14.83 -3.27
N ARG A 130 5.51 13.76 -2.49
CA ARG A 130 4.20 13.44 -2.02
C ARG A 130 4.29 12.79 -0.67
N VAL A 131 3.36 13.14 0.19
CA VAL A 131 3.19 12.54 1.51
C VAL A 131 1.74 11.99 1.59
N GLU A 132 1.55 10.89 2.30
CA GLU A 132 0.28 10.27 2.32
C GLU A 132 0.07 9.58 3.68
N LEU A 133 -1.19 9.21 3.91
CA LEU A 133 -1.55 8.52 5.14
C LEU A 133 -2.86 7.74 5.02
N ASN A 134 -3.03 6.76 5.91
CA ASN A 134 -4.25 6.00 6.04
C ASN A 134 -4.82 6.37 7.38
N VAL A 135 -6.14 6.50 7.46
CA VAL A 135 -6.82 6.74 8.71
C VAL A 135 -8.14 5.97 8.76
N TYR A 136 -8.46 5.26 9.86
CA TYR A 136 -9.75 4.57 9.89
C TYR A 136 -10.86 5.58 9.82
N ASP A 137 -11.90 5.26 9.07
CA ASP A 137 -12.93 6.21 8.77
C ASP A 137 -13.60 6.77 10.04
N TRP A 138 -13.74 5.93 11.06
CA TRP A 138 -14.35 6.30 12.35
C TRP A 138 -13.44 7.13 13.26
N ASN A 139 -12.17 7.34 12.93
CA ASN A 139 -11.22 8.04 13.77
C ASN A 139 -11.32 9.55 13.48
N ALA A 140 -12.41 10.13 13.98
CA ALA A 140 -12.84 11.50 13.61
C ALA A 140 -11.78 12.53 14.05
N ALA A 141 -11.22 12.34 15.24
CA ALA A 141 -10.17 13.27 15.76
C ALA A 141 -8.98 13.32 14.82
N ALA A 142 -8.49 12.15 14.47
CA ALA A 142 -7.37 12.02 13.56
C ALA A 142 -7.69 12.56 12.19
N ARG A 143 -8.83 12.16 11.65
CA ARG A 143 -9.22 12.65 10.39
C ARG A 143 -9.30 14.18 10.30
N HIS A 144 -9.87 14.83 11.28
CA HIS A 144 -9.97 16.30 11.27
C HIS A 144 -8.59 16.94 11.40
N LEU A 145 -7.76 16.39 12.24
CA LEU A 145 -6.41 16.90 12.41
C LEU A 145 -5.66 16.84 11.07
N TYR A 146 -5.76 15.71 10.40
CA TYR A 146 -5.09 15.54 9.10
C TYR A 146 -5.55 16.54 8.04
N ARG A 147 -6.86 16.76 7.95
CA ARG A 147 -7.39 17.77 7.09
C ARG A 147 -6.90 19.16 7.48
N ARG A 148 -6.91 19.47 8.76
CA ARG A 148 -6.37 20.78 9.18
C ARG A 148 -4.92 21.00 8.79
N ALA A 149 -4.14 19.93 8.81
CA ALA A 149 -2.72 19.98 8.42
C ALA A 149 -2.54 20.06 6.89
N GLY A 150 -3.64 19.96 6.15
CA GLY A 150 -3.67 20.24 4.71
C GLY A 150 -3.88 18.99 3.85
N PHE A 151 -4.01 17.81 4.47
CA PHE A 151 -4.24 16.59 3.72
C PHE A 151 -5.58 16.61 2.99
N ARG A 152 -5.60 16.10 1.77
CA ARG A 152 -6.86 15.95 1.01
C ARG A 152 -7.28 14.49 1.04
N GLU A 153 -8.57 14.23 1.18
CA GLU A 153 -9.07 12.86 1.13
C GLU A 153 -9.06 12.38 -0.28
N GLU A 154 -8.54 11.18 -0.50
CA GLU A 154 -8.33 10.67 -1.86
C GLU A 154 -9.12 9.39 -2.11
N GLY A 155 -9.69 8.80 -1.06
CA GLY A 155 -10.44 7.60 -1.26
C GLY A 155 -10.81 6.85 -0.01
N LEU A 156 -11.61 5.82 -0.18
CA LEU A 156 -12.05 5.02 0.97
C LEU A 156 -11.93 3.55 0.54
N ARG A 157 -11.03 2.86 1.19
CA ARG A 157 -10.74 1.46 0.93
C ARG A 157 -11.71 0.67 1.80
N ARG A 158 -12.70 0.05 1.20
CA ARG A 158 -13.77 -0.53 1.91
C ARG A 158 -13.40 -1.88 2.59
N SER A 159 -13.80 -2.04 3.84
CA SER A 159 -13.73 -3.34 4.50
C SER A 159 -12.34 -3.96 4.40
N ALA A 160 -11.35 -3.16 4.79
CA ALA A 160 -9.95 -3.47 4.56
C ALA A 160 -9.23 -4.10 5.71
N THR A 161 -9.60 -3.76 6.94
CA THR A 161 -8.82 -4.19 8.11
C THR A 161 -9.70 -5.08 9.02
N ARG A 162 -9.28 -6.29 9.30
CA ARG A 162 -10.00 -7.21 10.12
C ARG A 162 -9.61 -7.03 11.56
N VAL A 163 -10.59 -6.75 12.39
CA VAL A 163 -10.40 -6.65 13.85
C VAL A 163 -11.52 -7.42 14.51
N GLY A 164 -11.20 -8.63 14.91
CA GLY A 164 -12.20 -9.44 15.63
C GLY A 164 -13.26 -9.79 14.63
N ARG A 165 -14.50 -9.47 14.94
CA ARG A 165 -15.60 -9.66 14.03
C ARG A 165 -15.90 -8.41 13.19
N GLU A 166 -15.10 -7.38 13.30
CA GLU A 166 -15.38 -6.16 12.53
C GLU A 166 -14.41 -6.10 11.38
N ARG A 167 -14.76 -5.32 10.37
CA ARG A 167 -13.86 -4.94 9.30
C ARG A 167 -13.95 -3.44 9.17
N TRP A 168 -12.83 -2.75 9.18
CA TRP A 168 -12.80 -1.30 9.25
C TRP A 168 -12.45 -0.82 7.85
N ASN A 169 -13.07 0.25 7.48
CA ASN A 169 -12.78 1.01 6.28
C ASN A 169 -11.59 1.94 6.53
N VAL A 170 -10.75 2.17 5.52
CA VAL A 170 -9.55 3.00 5.61
C VAL A 170 -9.64 4.16 4.65
N VAL A 171 -9.66 5.36 5.20
CA VAL A 171 -9.62 6.61 4.38
C VAL A 171 -8.16 6.88 3.99
N LEU A 172 -7.96 7.14 2.72
CA LEU A 172 -6.64 7.44 2.19
C LEU A 172 -6.53 8.94 2.00
N GLY A 174 -3.70 12.40 1.02
CA GLY A 174 -2.43 12.77 0.41
C GLY A 174 -2.19 14.26 0.40
N LEU A 175 -0.92 14.64 0.32
CA LEU A 175 -0.47 16.04 0.30
C LEU A 175 0.74 16.14 -0.59
N LEU A 176 0.65 17.01 -1.59
CA LEU A 176 1.75 17.19 -2.57
C LEU A 176 2.68 18.28 -2.06
N ARG A 177 3.95 18.19 -2.41
CA ARG A 177 4.91 19.16 -1.98
C ARG A 177 4.44 20.58 -2.30
N GLN A 178 3.93 20.84 -3.51
CA GLN A 178 3.56 22.26 -3.82
C GLN A 178 2.40 22.77 -2.96
N GLU A 179 1.50 21.86 -2.56
CA GLU A 179 0.38 22.18 -1.64
C GLU A 179 0.93 22.47 -0.23
N TRP A 180 1.83 21.63 0.23
CA TRP A 180 2.49 21.81 1.53
C TRP A 180 3.26 23.12 1.57
N ALA A 181 3.96 23.41 0.49
CA ALA A 181 4.73 24.65 0.42
C ALA A 181 3.78 25.89 0.39
N ALA A 182 2.75 25.83 -0.45
CA ALA A 182 1.73 26.88 -0.52
C ALA A 182 1.12 27.16 0.82
N GLY A 183 0.82 26.11 1.60
CA GLY A 183 0.17 26.28 2.91
C GLY A 183 1.18 26.81 3.92
N GLY A 184 2.45 26.43 3.74
CA GLY A 184 3.58 26.83 4.62
C GLY A 184 4.83 25.96 4.41
N GLU B 13 -12.35 -20.83 -22.60
CA GLU B 13 -11.76 -19.69 -23.40
C GLU B 13 -10.28 -19.54 -23.06
N LEU B 14 -9.96 -19.65 -21.78
CA LEU B 14 -8.59 -19.67 -21.30
C LEU B 14 -8.51 -20.29 -19.92
N GLN B 15 -7.33 -20.71 -19.52
CA GLN B 15 -7.11 -21.36 -18.24
C GLN B 15 -5.82 -20.82 -17.63
N LEU B 16 -5.88 -20.52 -16.34
CA LEU B 16 -4.72 -20.12 -15.55
C LEU B 16 -3.97 -21.36 -15.07
N VAL B 17 -2.66 -21.38 -15.29
CA VAL B 17 -1.81 -22.41 -14.70
C VAL B 17 -0.67 -21.69 -13.98
N PRO B 18 -0.05 -22.37 -12.99
CA PRO B 18 1.07 -21.73 -12.31
C PRO B 18 2.12 -21.30 -13.30
N PHE B 19 2.69 -20.13 -13.06
CA PHE B 19 3.78 -19.62 -13.89
C PHE B 19 4.98 -20.53 -13.80
N GLN B 20 5.52 -20.92 -14.92
CA GLN B 20 6.77 -21.68 -14.93
C GLN B 20 7.93 -20.88 -15.51
N LEU B 21 9.15 -21.15 -15.03
CA LEU B 21 10.31 -20.41 -15.57
C LEU B 21 10.40 -20.50 -17.10
N GLY B 22 10.00 -21.62 -17.68
CA GLY B 22 10.02 -21.78 -19.14
C GLY B 22 9.05 -20.88 -19.92
N HIS B 23 8.05 -20.33 -19.23
CA HIS B 23 7.16 -19.37 -19.86
C HIS B 23 7.80 -17.99 -19.94
N PHE B 24 8.92 -17.79 -19.24
CA PHE B 24 9.49 -16.45 -19.16
C PHE B 24 9.77 -15.84 -20.56
N PRO B 25 10.43 -16.57 -21.44
CA PRO B 25 10.75 -15.94 -22.73
C PRO B 25 9.50 -15.51 -23.49
N ILE B 26 8.35 -16.10 -23.23
CA ILE B 26 7.13 -15.69 -23.94
C ILE B 26 6.67 -14.38 -23.36
N LEU B 27 6.58 -14.32 -22.02
CA LEU B 27 6.21 -13.10 -21.31
C LEU B 27 7.11 -11.91 -21.70
N GLN B 28 8.39 -12.16 -21.74
CA GLN B 28 9.41 -11.14 -21.98
C GLN B 28 9.20 -10.38 -23.29
N ARG B 29 8.62 -11.05 -24.26
CA ARG B 29 8.40 -10.50 -25.59
C ARG B 29 7.25 -9.47 -25.63
N TRP B 30 6.41 -9.47 -24.59
CA TRP B 30 5.19 -8.73 -24.64
C TRP B 30 5.39 -7.22 -24.44
N PHE B 31 6.62 -6.76 -24.16
CA PHE B 31 6.84 -5.37 -23.75
C PHE B 31 7.87 -4.68 -24.59
N ALA B 32 7.42 -3.74 -25.39
CA ALA B 32 8.28 -2.97 -26.28
C ALA B 32 9.18 -1.99 -25.55
N THR B 33 8.72 -1.44 -24.43
CA THR B 33 9.46 -0.35 -23.76
C THR B 33 9.39 -0.38 -22.27
N GLU B 34 10.23 0.45 -21.69
CA GLU B 34 10.15 0.61 -20.26
C GLU B 34 8.77 1.03 -19.84
N LYS B 35 8.17 2.03 -20.50
CA LYS B 35 6.84 2.47 -20.05
C LYS B 35 5.77 1.37 -20.13
N GLU B 36 5.90 0.41 -21.08
CA GLU B 36 4.93 -0.71 -21.17
C GLU B 36 5.10 -1.61 -19.98
N LEU B 37 6.37 -1.85 -19.64
CA LEU B 37 6.70 -2.61 -18.44
C LEU B 37 6.18 -1.94 -17.18
N VAL B 38 6.36 -0.63 -17.05
CA VAL B 38 5.87 0.06 -15.84
C VAL B 38 4.31 0.11 -15.78
N GLN B 39 3.67 0.40 -16.91
CA GLN B 39 2.21 0.23 -17.00
C GLN B 39 1.72 -1.09 -16.38
N TRP B 40 2.42 -2.19 -16.69
CA TRP B 40 2.10 -3.52 -16.26
C TRP B 40 2.46 -3.82 -14.79
N ALA B 41 3.67 -3.46 -14.40
CA ALA B 41 4.27 -3.97 -13.15
C ALA B 41 4.94 -2.93 -12.26
N GLY B 42 4.91 -1.66 -12.63
CA GLY B 42 5.36 -0.64 -11.67
C GLY B 42 6.80 -0.18 -11.93
N PRO B 43 7.22 0.90 -11.24
CA PRO B 43 8.38 1.71 -11.68
C PRO B 43 9.78 1.09 -11.44
N ALA B 44 9.82 -0.07 -10.79
CA ALA B 44 11.09 -0.85 -10.61
C ALA B 44 11.60 -1.43 -11.95
N LEU B 45 10.69 -1.59 -12.92
CA LEU B 45 10.98 -2.39 -14.09
C LEU B 45 11.87 -1.65 -15.08
N ARG B 46 12.82 -2.40 -15.65
CA ARG B 46 13.72 -1.89 -16.65
C ARG B 46 13.59 -2.76 -17.87
N HIS B 47 13.74 -2.11 -19.02
CA HIS B 47 13.65 -2.78 -20.28
C HIS B 47 15.05 -3.20 -20.80
N PRO B 48 15.21 -4.45 -21.22
CA PRO B 48 14.16 -5.48 -21.34
C PRO B 48 13.85 -6.19 -20.02
N LEU B 49 12.64 -6.75 -19.91
CA LEU B 49 12.35 -7.60 -18.78
C LEU B 49 13.45 -8.68 -18.69
N SER B 50 13.91 -8.98 -17.48
CA SER B 50 14.92 -10.05 -17.29
C SER B 50 14.42 -10.90 -16.13
N LEU B 51 14.93 -12.12 -16.08
CA LEU B 51 14.45 -13.05 -15.08
C LEU B 51 14.97 -12.65 -13.71
N GLU B 52 16.14 -12.04 -13.68
CA GLU B 52 16.68 -11.53 -12.45
C GLU B 52 15.75 -10.46 -11.82
N GLN B 53 15.05 -9.67 -12.62
CA GLN B 53 14.16 -8.66 -12.05
C GLN B 53 12.96 -9.31 -11.32
N HIS B 55 13.22 -11.96 -9.42
CA HIS B 55 13.77 -12.82 -8.38
C HIS B 55 13.02 -12.72 -7.08
N GLU B 56 12.79 -11.50 -6.57
CA GLU B 56 12.18 -11.34 -5.25
C GLU B 56 10.71 -11.77 -5.29
N ASP B 57 10.01 -11.43 -6.37
CA ASP B 57 8.60 -11.80 -6.62
C ASP B 57 8.47 -13.31 -6.60
N LEU B 58 9.34 -13.99 -7.35
CA LEU B 58 9.35 -15.45 -7.36
C LEU B 58 9.69 -16.05 -5.97
N ALA B 59 10.67 -15.48 -5.25
CA ALA B 59 10.91 -15.96 -3.87
C ALA B 59 9.70 -15.83 -2.90
N GLU B 60 8.94 -14.75 -3.01
CA GLU B 60 7.68 -14.60 -2.25
C GLU B 60 6.73 -15.73 -2.56
N SER B 61 6.79 -16.23 -3.79
CA SER B 61 5.95 -17.30 -4.23
C SER B 61 6.32 -18.69 -3.71
N ARG B 62 7.50 -18.80 -3.11
CA ARG B 62 7.97 -20.05 -2.58
C ARG B 62 7.81 -20.10 -1.08
N ARG B 63 7.40 -19.02 -0.41
CA ARG B 63 7.21 -19.07 1.03
C ARG B 63 6.06 -20.00 1.30
N ARG B 64 5.93 -20.38 2.56
N ARG B 64 5.93 -20.40 2.56
CA ARG B 64 4.80 -21.19 3.00
CA ARG B 64 4.78 -21.19 2.99
C ARG B 64 4.18 -20.50 4.20
C ARG B 64 4.17 -20.49 4.19
N PRO B 65 2.98 -19.92 4.03
CA PRO B 65 2.22 -19.89 2.81
C PRO B 65 2.81 -18.85 1.81
N PRO B 66 2.49 -18.97 0.52
CA PRO B 66 3.12 -17.96 -0.41
C PRO B 66 2.58 -16.55 -0.22
N LEU B 67 3.46 -15.59 -0.26
N LEU B 67 3.47 -15.59 -0.26
CA LEU B 67 3.05 -14.22 -0.21
CA LEU B 67 3.08 -14.18 -0.25
C LEU B 67 2.53 -13.73 -1.57
C LEU B 67 2.50 -13.75 -1.59
N ARG B 68 3.03 -14.29 -2.66
CA ARG B 68 2.60 -13.94 -4.01
C ARG B 68 2.40 -15.22 -4.78
N LEU B 69 1.44 -15.25 -5.68
CA LEU B 69 1.33 -16.35 -6.64
C LEU B 69 1.38 -15.76 -8.02
N LEU B 70 2.02 -16.49 -8.93
CA LEU B 70 2.18 -16.04 -10.33
C LEU B 70 1.54 -17.10 -11.23
N TRP B 71 0.84 -16.61 -12.25
CA TRP B 71 0.01 -17.40 -13.17
C TRP B 71 0.32 -17.12 -14.65
N SER B 72 0.32 -18.14 -15.49
CA SER B 72 0.26 -17.93 -16.92
C SER B 72 -1.16 -18.25 -17.38
N ALA B 73 -1.70 -17.43 -18.29
CA ALA B 73 -3.01 -17.74 -18.92
C ALA B 73 -2.75 -18.54 -20.20
N CYS B 74 -3.48 -19.64 -20.38
CA CYS B 74 -3.30 -20.51 -21.54
C CYS B 74 -4.55 -20.71 -22.37
N ARG B 75 -4.34 -20.79 -23.69
CA ARG B 75 -5.41 -21.01 -24.65
C ARG B 75 -4.83 -21.67 -25.90
N ASP B 76 -5.44 -22.75 -26.34
CA ASP B 76 -4.91 -23.53 -27.48
C ASP B 76 -3.45 -23.97 -27.20
N ASP B 77 -3.23 -24.55 -26.00
CA ASP B 77 -1.88 -24.87 -25.53
C ASP B 77 -0.81 -23.78 -25.91
N GLN B 78 -1.18 -22.51 -25.75
CA GLN B 78 -0.25 -21.39 -25.84
C GLN B 78 -0.45 -20.45 -24.68
N VAL B 79 0.69 -19.89 -24.26
CA VAL B 79 0.71 -18.93 -23.18
C VAL B 79 0.37 -17.57 -23.79
N ILE B 80 -0.79 -17.02 -23.40
CA ILE B 80 -1.29 -15.76 -23.96
C ILE B 80 -1.46 -14.68 -22.90
N GLY B 81 -1.22 -15.01 -21.64
CA GLY B 81 -1.19 -13.99 -20.60
C GLY B 81 -0.45 -14.31 -19.32
N HIS B 82 -0.40 -13.29 -18.45
CA HIS B 82 0.26 -13.39 -17.14
C HIS B 82 -0.57 -12.68 -16.11
N CYS B 83 -0.65 -13.16 -14.87
CA CYS B 83 -1.23 -12.37 -13.79
C CYS B 83 -0.72 -12.85 -12.41
N GLN B 84 -0.86 -11.99 -11.41
CA GLN B 84 -0.34 -12.23 -10.08
C GLN B 84 -1.32 -11.83 -8.98
N LEU B 85 -1.11 -12.48 -7.84
CA LEU B 85 -1.83 -12.23 -6.58
C LEU B 85 -0.85 -11.97 -5.45
N LEU B 86 -1.11 -10.94 -4.66
N LEU B 86 -1.15 -10.98 -4.63
CA LEU B 86 -0.43 -10.68 -3.38
CA LEU B 86 -0.43 -10.67 -3.43
C LEU B 86 -1.40 -10.83 -2.23
C LEU B 86 -1.39 -10.80 -2.23
N PHE B 87 -1.00 -11.56 -1.21
CA PHE B 87 -1.87 -11.99 -0.17
C PHE B 87 -1.64 -11.28 1.15
N ASP B 88 -2.71 -10.74 1.72
CA ASP B 88 -2.73 -10.29 3.10
C ASP B 88 -3.70 -11.19 3.87
N ARG B 89 -3.18 -12.31 4.36
CA ARG B 89 -4.04 -13.32 4.93
C ARG B 89 -4.59 -12.89 6.31
N ARG B 90 -3.83 -12.10 7.05
CA ARG B 90 -4.32 -11.65 8.34
C ARG B 90 -5.64 -10.87 8.18
N ASN B 91 -5.69 -9.99 7.18
CA ASN B 91 -6.88 -9.17 6.92
C ASN B 91 -7.89 -9.80 6.01
N GLY B 92 -7.49 -10.85 5.30
CA GLY B 92 -8.38 -11.44 4.36
C GLY B 92 -8.56 -10.63 3.07
N VAL B 93 -7.47 -10.12 2.57
CA VAL B 93 -7.41 -9.20 1.44
C VAL B 93 -6.39 -9.69 0.44
N VAL B 94 -6.74 -9.69 -0.84
CA VAL B 94 -5.81 -10.12 -1.85
C VAL B 94 -5.79 -8.98 -2.89
N ARG B 95 -4.60 -8.69 -3.38
N ARG B 95 -4.61 -8.67 -3.39
CA ARG B 95 -4.42 -7.67 -4.41
CA ARG B 95 -4.41 -7.66 -4.41
C ARG B 95 -4.06 -8.30 -5.72
C ARG B 95 -4.05 -8.30 -5.72
N LEU B 96 -4.81 -7.97 -6.77
CA LEU B 96 -4.53 -8.41 -8.11
C LEU B 96 -3.45 -7.52 -8.68
N ALA B 97 -2.50 -8.06 -9.44
CA ALA B 97 -1.44 -7.25 -10.02
C ALA B 97 -0.79 -7.90 -11.29
N ARG B 98 -0.09 -7.10 -12.09
CA ARG B 98 0.63 -7.60 -13.26
C ARG B 98 -0.30 -8.44 -14.19
N ILE B 99 -1.52 -7.99 -14.42
CA ILE B 99 -2.43 -8.61 -15.41
C ILE B 99 -1.95 -8.15 -16.78
N VAL B 100 -1.80 -9.07 -17.72
CA VAL B 100 -1.38 -8.68 -19.09
C VAL B 100 -1.82 -9.78 -20.04
N LEU B 101 -2.31 -9.38 -21.20
CA LEU B 101 -2.44 -10.24 -22.36
C LEU B 101 -1.31 -9.97 -23.34
N ALA B 102 -0.91 -11.06 -24.03
CA ALA B 102 -0.05 -10.95 -25.19
C ALA B 102 -0.60 -9.89 -26.13
N PRO B 103 0.27 -9.00 -26.66
CA PRO B 103 -0.29 -8.05 -27.65
C PRO B 103 -1.16 -8.76 -28.70
N SER B 104 -0.74 -9.93 -29.17
CA SER B 104 -1.52 -10.66 -30.17
C SER B 104 -2.86 -11.22 -29.67
N ALA B 105 -3.08 -11.21 -28.36
CA ALA B 105 -4.35 -11.68 -27.80
C ALA B 105 -5.29 -10.53 -27.37
N ARG B 106 -4.90 -9.29 -27.64
CA ARG B 106 -5.71 -8.15 -27.22
C ARG B 106 -6.82 -7.76 -28.19
N GLY B 107 -7.90 -7.20 -27.68
CA GLY B 107 -8.96 -6.69 -28.57
C GLY B 107 -9.85 -7.84 -28.98
N GLN B 108 -9.80 -8.91 -28.20
CA GLN B 108 -10.40 -10.20 -28.55
C GLN B 108 -11.37 -10.77 -27.52
N GLY B 109 -11.78 -9.98 -26.51
CA GLY B 109 -12.68 -10.51 -25.43
C GLY B 109 -12.07 -11.55 -24.49
N LEU B 110 -10.73 -11.57 -24.40
CA LEU B 110 -10.02 -12.50 -23.54
C LEU B 110 -9.69 -11.87 -22.18
N GLY B 111 -9.76 -10.54 -22.07
CA GLY B 111 -9.56 -9.87 -20.77
C GLY B 111 -10.47 -10.32 -19.65
N LEU B 112 -11.76 -10.33 -19.93
CA LEU B 112 -12.76 -10.64 -18.94
C LEU B 112 -12.69 -12.09 -18.48
N PRO B 113 -12.50 -13.08 -19.38
CA PRO B 113 -12.21 -14.43 -18.95
C PRO B 113 -10.97 -14.61 -18.05
N LEU B 115 -9.72 -12.31 -16.10
CA LEU B 115 -10.04 -11.69 -14.85
C LEU B 115 -11.00 -12.51 -13.99
N GLU B 116 -12.01 -13.10 -14.60
CA GLU B 116 -12.93 -13.99 -13.91
C GLU B 116 -12.17 -15.16 -13.25
N ALA B 117 -11.19 -15.66 -13.99
CA ALA B 117 -10.34 -16.81 -13.58
C ALA B 117 -9.43 -16.39 -12.42
N LEU B 118 -8.87 -15.19 -12.52
CA LEU B 118 -7.99 -14.66 -11.47
C LEU B 118 -8.76 -14.36 -10.19
N LEU B 119 -9.97 -13.82 -10.34
CA LEU B 119 -10.83 -13.54 -9.26
C LEU B 119 -11.23 -14.87 -8.51
N ALA B 120 -11.47 -15.96 -9.24
CA ALA B 120 -11.83 -17.26 -8.63
C ALA B 120 -10.64 -17.73 -7.81
N GLU B 121 -9.44 -17.50 -8.28
CA GLU B 121 -8.27 -17.84 -7.52
C GLU B 121 -8.09 -16.96 -6.25
N ALA B 122 -8.21 -15.65 -6.41
CA ALA B 122 -8.09 -14.75 -5.27
C ALA B 122 -9.07 -15.05 -4.13
N PHE B 123 -10.31 -15.31 -4.48
CA PHE B 123 -11.36 -15.59 -3.54
C PHE B 123 -11.49 -17.06 -3.21
N ALA B 124 -10.57 -17.90 -3.61
CA ALA B 124 -10.72 -19.34 -3.41
C ALA B 124 -10.97 -19.66 -1.94
N ASP B 125 -10.15 -19.12 -1.03
CA ASP B 125 -10.40 -19.39 0.38
C ASP B 125 -11.52 -18.44 0.78
N ALA B 126 -12.53 -19.00 1.39
CA ALA B 126 -13.71 -18.28 1.91
C ALA B 126 -13.32 -17.15 2.86
N ASP B 127 -12.20 -17.27 3.56
CA ASP B 127 -11.75 -16.24 4.49
C ASP B 127 -11.38 -14.92 3.78
N ILE B 128 -11.08 -14.98 2.48
CA ILE B 128 -10.85 -13.75 1.71
C ILE B 128 -12.15 -12.96 1.52
N GLU B 129 -12.18 -11.75 2.09
CA GLU B 129 -13.33 -10.90 2.03
C GLU B 129 -13.23 -9.75 1.03
N ARG B 130 -12.03 -9.43 0.58
CA ARG B 130 -11.81 -8.30 -0.30
C ARG B 130 -10.70 -8.57 -1.26
N VAL B 131 -10.87 -8.17 -2.49
N VAL B 131 -10.87 -8.13 -2.48
CA VAL B 131 -9.76 -8.10 -3.40
CA VAL B 131 -9.82 -8.12 -3.46
C VAL B 131 -9.66 -6.68 -3.91
C VAL B 131 -9.66 -6.69 -3.92
N GLU B 132 -8.47 -6.30 -4.30
CA GLU B 132 -8.20 -4.88 -4.72
C GLU B 132 -7.11 -4.84 -5.73
N LEU B 133 -6.98 -3.69 -6.38
CA LEU B 133 -5.91 -3.48 -7.35
C LEU B 133 -5.66 -1.97 -7.51
N ASN B 134 -4.52 -1.68 -8.11
CA ASN B 134 -4.16 -0.36 -8.51
C ASN B 134 -4.06 -0.29 -10.03
N VAL B 135 -4.46 0.84 -10.63
CA VAL B 135 -4.36 0.96 -12.09
C VAL B 135 -4.07 2.45 -12.41
N TYR B 136 -3.18 2.72 -13.35
CA TYR B 136 -2.93 4.14 -13.69
C TYR B 136 -4.18 4.76 -14.27
N ASP B 137 -4.44 6.01 -13.94
CA ASP B 137 -5.70 6.65 -14.34
C ASP B 137 -5.90 6.73 -15.83
N TRP B 138 -4.83 6.85 -16.61
CA TRP B 138 -4.90 6.89 -18.12
C TRP B 138 -4.99 5.50 -18.82
N ASN B 139 -5.02 4.44 -18.02
CA ASN B 139 -5.01 3.08 -18.55
C ASN B 139 -6.43 2.62 -18.77
N ALA B 140 -6.98 3.12 -19.87
CA ALA B 140 -8.43 3.04 -20.20
C ALA B 140 -8.84 1.61 -20.37
N ALA B 141 -8.08 0.83 -21.12
CA ALA B 141 -8.51 -0.54 -21.40
C ALA B 141 -8.61 -1.34 -20.12
N ALA B 142 -7.59 -1.22 -19.27
CA ALA B 142 -7.64 -1.88 -18.00
C ALA B 142 -8.75 -1.40 -17.05
N ARG B 143 -8.91 -0.10 -16.92
CA ARG B 143 -9.95 0.43 -16.06
C ARG B 143 -11.30 -0.06 -16.52
N HIS B 144 -11.52 -0.05 -17.81
CA HIS B 144 -12.83 -0.52 -18.34
C HIS B 144 -13.06 -2.01 -18.04
N LEU B 145 -12.01 -2.79 -18.22
CA LEU B 145 -12.09 -4.20 -17.95
C LEU B 145 -12.43 -4.44 -16.46
N TYR B 146 -11.77 -3.71 -15.56
CA TYR B 146 -11.96 -3.90 -14.14
C TYR B 146 -13.38 -3.53 -13.72
N ARG B 147 -13.88 -2.42 -14.24
CA ARG B 147 -15.25 -2.04 -14.05
C ARG B 147 -16.21 -3.11 -14.53
N ARG B 148 -15.97 -3.68 -15.72
CA ARG B 148 -16.85 -4.73 -16.29
C ARG B 148 -16.92 -5.90 -15.35
N ALA B 149 -15.81 -6.17 -14.68
CA ALA B 149 -15.71 -7.28 -13.74
C ALA B 149 -16.35 -7.02 -12.41
N GLY B 150 -16.79 -5.80 -12.17
CA GLY B 150 -17.47 -5.43 -10.95
C GLY B 150 -16.64 -4.65 -9.95
N PHE B 151 -15.38 -4.40 -10.24
CA PHE B 151 -14.61 -3.49 -9.35
C PHE B 151 -15.24 -2.12 -9.25
N ARG B 152 -15.18 -1.52 -8.06
CA ARG B 152 -15.55 -0.14 -7.87
C ARG B 152 -14.32 0.72 -7.71
N GLU B 153 -14.33 1.94 -8.24
CA GLU B 153 -13.26 2.87 -7.98
C GLU B 153 -13.38 3.38 -6.56
N GLU B 154 -12.31 3.29 -5.77
CA GLU B 154 -12.39 3.63 -4.37
C GLU B 154 -11.54 4.86 -4.05
N GLY B 155 -10.69 5.27 -4.97
CA GLY B 155 -9.70 6.30 -4.65
C GLY B 155 -8.86 6.69 -5.84
N LEU B 156 -8.32 7.89 -5.77
N LEU B 156 -8.26 7.86 -5.75
CA LEU B 156 -7.31 8.35 -6.70
CA LEU B 156 -7.26 8.30 -6.71
C LEU B 156 -6.17 8.90 -5.89
C LEU B 156 -6.08 8.84 -5.93
N ARG B 157 -5.06 8.19 -5.91
N ARG B 157 -4.96 8.16 -5.95
CA ARG B 157 -3.83 8.63 -5.25
CA ARG B 157 -3.78 8.64 -5.27
C ARG B 157 -3.04 9.52 -6.20
C ARG B 157 -2.99 9.52 -6.21
N ARG B 158 -3.05 10.81 -5.96
CA ARG B 158 -2.57 11.77 -6.94
C ARG B 158 -1.01 11.83 -7.00
N SER B 159 -0.45 11.85 -8.19
CA SER B 159 0.98 11.99 -8.33
C SER B 159 1.76 10.97 -7.47
N ALA B 160 1.37 9.72 -7.56
CA ALA B 160 1.86 8.66 -6.71
C ALA B 160 3.11 7.94 -7.26
N THR B 161 3.21 7.79 -8.56
CA THR B 161 4.23 6.95 -9.18
C THR B 161 5.20 7.78 -10.02
N ARG B 162 6.49 7.65 -9.76
CA ARG B 162 7.50 8.35 -10.51
C ARG B 162 7.94 7.52 -11.68
N VAL B 163 7.85 8.09 -12.86
CA VAL B 163 8.33 7.45 -14.09
C VAL B 163 9.10 8.49 -14.88
N GLY B 164 10.42 8.37 -14.86
CA GLY B 164 11.29 9.35 -15.48
C GLY B 164 11.08 10.69 -14.80
N ARG B 165 10.74 11.69 -15.63
CA ARG B 165 10.44 13.03 -15.16
C ARG B 165 8.94 13.21 -14.90
N GLU B 166 8.14 12.17 -15.11
N GLU B 166 8.15 12.16 -15.06
CA GLU B 166 6.69 12.27 -14.98
CA GLU B 166 6.72 12.29 -14.93
C GLU B 166 6.24 11.61 -13.65
C GLU B 166 6.25 11.61 -13.64
N ARG B 167 5.05 11.97 -13.22
CA ARG B 167 4.40 11.28 -12.07
C ARG B 167 3.00 10.92 -12.53
N TRP B 168 2.56 9.70 -12.19
CA TRP B 168 1.30 9.16 -12.65
C TRP B 168 0.40 9.01 -11.46
N ASN B 169 -0.90 9.18 -11.70
CA ASN B 169 -1.95 9.01 -10.70
C ASN B 169 -2.37 7.56 -10.71
N VAL B 170 -2.65 7.01 -9.52
CA VAL B 170 -3.11 5.62 -9.35
C VAL B 170 -4.53 5.59 -8.86
N VAL B 171 -5.37 4.88 -9.60
CA VAL B 171 -6.73 4.62 -9.23
C VAL B 171 -6.70 3.33 -8.35
N LEU B 172 -7.33 3.38 -7.18
N LEU B 172 -7.34 3.38 -7.20
CA LEU B 172 -7.51 2.19 -6.31
CA LEU B 172 -7.53 2.19 -6.36
C LEU B 172 -8.87 1.63 -6.63
C LEU B 172 -8.89 1.63 -6.66
N GLY B 174 -11.64 -1.71 -5.70
CA GLY B 174 -11.94 -2.83 -4.78
C GLY B 174 -13.14 -3.63 -5.19
N LEU B 175 -13.21 -4.87 -4.68
CA LEU B 175 -14.34 -5.75 -4.92
C LEU B 175 -14.51 -6.63 -3.70
N LEU B 176 -15.65 -6.53 -3.05
CA LEU B 176 -15.99 -7.37 -1.92
C LEU B 176 -16.55 -8.74 -2.26
N ARG B 177 -16.33 -9.71 -1.37
CA ARG B 177 -16.78 -11.09 -1.64
C ARG B 177 -18.24 -11.24 -2.09
N GLN B 178 -19.15 -10.62 -1.34
CA GLN B 178 -20.57 -10.77 -1.67
C GLN B 178 -20.92 -10.17 -3.03
N GLU B 179 -20.21 -9.09 -3.41
CA GLU B 179 -20.38 -8.44 -4.72
C GLU B 179 -19.93 -9.39 -5.78
N TRP B 180 -18.73 -9.93 -5.59
CA TRP B 180 -18.23 -10.91 -6.54
C TRP B 180 -19.18 -12.11 -6.67
N ALA B 181 -19.73 -12.60 -5.58
CA ALA B 181 -20.52 -13.85 -5.67
C ALA B 181 -21.89 -13.65 -6.39
N ALA B 182 -22.42 -12.43 -6.37
CA ALA B 182 -23.68 -12.14 -7.07
C ALA B 182 -23.48 -12.24 -8.58
#